data_2P4H
#
_entry.id   2P4H
#
_cell.length_a   69.103
_cell.length_b   91.850
_cell.length_c   63.186
_cell.angle_alpha   90.00
_cell.angle_beta   90.00
_cell.angle_gamma   90.00
#
_symmetry.space_group_name_H-M   'P 21 21 2'
#
loop_
_entity.id
_entity.type
_entity.pdbx_description
1 polymer 'Vestitone reductase'
2 water water
#
_entity_poly.entity_id   1
_entity_poly.type   'polypeptide(L)'
_entity_poly.pdbx_seq_one_letter_code
;KGRVCVTGGTGFLGSWIIKSLLENGYSVNTTIRADPERKRDVSFLTNLPGASEKLHFFNADLSNPDSFAAAIEGCVGIFH
TASPIDFAVSEPEEIVTKRTVDGALGILKACVNSKTVKRFIYTSSGSAVSFNGKDKDVLDESDWSDVDLLRSVKPFGWNY
AVSKTLAEKAVLEFGEQNGIDVVTLILPFIVGRFVCPKLPDSIEKALVLVLGKKEQIGVTRFHMVHVDDVARAHIYLLEN
SVPGGRYNCSPFIVPIEEMSQLLSAKYPEYQILTVDELKEIKGARLPDLNTKKLVDAGFDFKYTIEDMFDDAIQCCKEKG
YL
;
_entity_poly.pdbx_strand_id   X
#
# COMPACT_ATOMS: atom_id res chain seq x y z
N LYS A 1 -19.86 -2.63 12.89
CA LYS A 1 -19.68 -3.82 12.01
C LYS A 1 -18.58 -4.73 12.52
N GLY A 2 -17.96 -4.35 13.64
CA GLY A 2 -16.91 -5.15 14.21
C GLY A 2 -15.62 -4.36 14.40
N ARG A 3 -14.66 -4.99 15.06
CA ARG A 3 -13.38 -4.34 15.32
C ARG A 3 -12.28 -4.87 14.41
N VAL A 4 -11.48 -3.97 13.87
CA VAL A 4 -10.38 -4.35 12.99
C VAL A 4 -9.06 -3.80 13.54
N CYS A 5 -8.04 -4.65 13.55
CA CYS A 5 -6.72 -4.22 14.04
C CYS A 5 -5.88 -3.82 12.82
N VAL A 6 -5.39 -2.59 12.85
CA VAL A 6 -4.57 -2.04 11.77
C VAL A 6 -3.16 -1.73 12.29
N THR A 7 -2.14 -2.33 11.70
CA THR A 7 -0.78 -2.02 12.12
C THR A 7 -0.29 -0.84 11.29
N GLY A 8 0.72 -0.13 11.79
CA GLY A 8 1.26 1.01 11.07
C GLY A 8 0.24 2.13 11.00
N GLY A 9 -0.48 2.35 12.09
CA GLY A 9 -1.53 3.36 12.14
C GLY A 9 -1.19 4.80 11.80
N THR A 10 0.06 5.21 12.00
CA THR A 10 0.42 6.59 11.69
C THR A 10 1.03 6.73 10.30
N GLY A 11 1.15 5.63 9.57
CA GLY A 11 1.69 5.69 8.23
C GLY A 11 0.65 6.20 7.26
N PHE A 12 1.08 6.56 6.05
CA PHE A 12 0.17 7.06 5.02
C PHE A 12 -1.01 6.10 4.77
N LEU A 13 -0.72 4.86 4.42
CA LEU A 13 -1.79 3.92 4.15
C LEU A 13 -2.57 3.53 5.40
N GLY A 14 -1.85 3.21 6.47
CA GLY A 14 -2.51 2.82 7.71
C GLY A 14 -3.48 3.86 8.23
N SER A 15 -3.06 5.12 8.26
CA SER A 15 -3.92 6.17 8.77
C SER A 15 -5.13 6.38 7.88
N TRP A 16 -4.97 6.25 6.56
CA TRP A 16 -6.11 6.43 5.67
C TRP A 16 -7.10 5.29 5.88
N ILE A 17 -6.58 4.08 6.07
CA ILE A 17 -7.44 2.93 6.30
C ILE A 17 -8.21 3.09 7.62
N ILE A 18 -7.57 3.65 8.64
CA ILE A 18 -8.25 3.86 9.91
C ILE A 18 -9.40 4.85 9.69
N LYS A 19 -9.12 5.92 8.95
CA LYS A 19 -10.12 6.93 8.63
C LYS A 19 -11.32 6.25 7.94
N SER A 20 -11.01 5.44 6.94
CA SER A 20 -12.02 4.72 6.17
C SER A 20 -12.84 3.75 7.02
N LEU A 21 -12.17 2.98 7.86
CA LEU A 21 -12.86 2.03 8.71
C LEU A 21 -13.85 2.74 9.63
N LEU A 22 -13.43 3.84 10.22
CA LEU A 22 -14.30 4.58 11.13
C LEU A 22 -15.50 5.15 10.38
N GLU A 23 -15.27 5.64 9.16
CA GLU A 23 -16.36 6.20 8.36
C GLU A 23 -17.37 5.13 7.98
N ASN A 24 -16.89 3.88 7.84
CA ASN A 24 -17.75 2.77 7.44
C ASN A 24 -18.39 1.97 8.58
N GLY A 25 -18.36 2.52 9.78
CA GLY A 25 -18.99 1.84 10.91
C GLY A 25 -18.19 0.84 11.72
N TYR A 26 -16.90 0.71 11.46
CA TYR A 26 -16.08 -0.23 12.22
C TYR A 26 -15.39 0.45 13.39
N SER A 27 -14.96 -0.36 14.36
CA SER A 27 -14.20 0.14 15.49
C SER A 27 -12.77 -0.25 15.11
N VAL A 28 -11.79 0.44 15.66
CA VAL A 28 -10.40 0.16 15.29
C VAL A 28 -9.38 0.08 16.41
N ASN A 29 -8.53 -0.95 16.33
CA ASN A 29 -7.43 -1.14 17.27
C ASN A 29 -6.22 -0.86 16.38
N THR A 30 -5.22 -0.16 16.88
CA THR A 30 -4.06 0.11 16.05
C THR A 30 -2.75 0.10 16.82
N THR A 31 -1.69 -0.28 16.12
CA THR A 31 -0.35 -0.29 16.68
C THR A 31 0.42 0.65 15.74
N ILE A 32 1.33 1.42 16.30
CA ILE A 32 2.08 2.39 15.49
C ILE A 32 3.58 2.33 15.68
N ARG A 33 4.31 2.94 14.74
CA ARG A 33 5.76 2.99 14.78
C ARG A 33 6.22 4.25 15.50
N ALA A 34 7.01 4.07 16.55
CA ALA A 34 7.52 5.19 17.33
C ALA A 34 8.44 6.05 16.47
N ASP A 35 8.43 7.35 16.72
CA ASP A 35 9.27 8.28 15.97
C ASP A 35 10.27 8.97 16.89
N ARG A 40 4.29 10.13 19.86
CA ARG A 40 4.59 11.54 20.11
C ARG A 40 3.35 12.40 19.88
N ASP A 41 2.76 12.28 18.70
CA ASP A 41 1.57 13.05 18.36
C ASP A 41 0.68 12.30 17.38
N VAL A 42 -0.47 11.83 17.87
CA VAL A 42 -1.42 11.10 17.05
C VAL A 42 -2.72 11.86 16.90
N SER A 43 -2.67 13.18 17.09
CA SER A 43 -3.85 14.02 16.98
C SER A 43 -4.57 13.87 15.65
N PHE A 44 -3.81 13.69 14.56
CA PHE A 44 -4.44 13.55 13.25
C PHE A 44 -5.26 12.28 13.17
N LEU A 45 -5.06 11.38 14.13
CA LEU A 45 -5.82 10.14 14.19
C LEU A 45 -6.96 10.27 15.20
N THR A 46 -6.65 10.75 16.40
CA THR A 46 -7.65 10.91 17.44
C THR A 46 -8.70 11.96 17.11
N ASN A 47 -8.39 12.85 16.16
CA ASN A 47 -9.32 13.88 15.76
C ASN A 47 -10.23 13.40 14.63
N LEU A 48 -9.94 12.23 14.08
CA LEU A 48 -10.76 11.68 13.02
C LEU A 48 -12.16 11.40 13.54
N PRO A 49 -13.19 11.66 12.72
CA PRO A 49 -14.57 11.42 13.15
C PRO A 49 -14.76 9.99 13.66
N GLY A 50 -15.33 9.86 14.85
CA GLY A 50 -15.59 8.56 15.42
C GLY A 50 -14.44 7.94 16.22
N ALA A 51 -13.27 8.56 16.17
CA ALA A 51 -12.11 8.04 16.89
C ALA A 51 -12.21 8.10 18.40
N SER A 52 -12.74 9.20 18.93
CA SER A 52 -12.87 9.36 20.38
C SER A 52 -13.68 8.26 21.06
N GLU A 53 -14.41 7.46 20.27
CA GLU A 53 -15.20 6.38 20.86
C GLU A 53 -14.91 5.00 20.29
N LYS A 54 -14.27 4.95 19.13
CA LYS A 54 -14.00 3.65 18.50
C LYS A 54 -12.55 3.35 18.14
N LEU A 55 -11.63 4.26 18.41
CA LEU A 55 -10.23 4.04 18.09
C LEU A 55 -9.42 3.78 19.36
N HIS A 56 -8.68 2.69 19.38
CA HIS A 56 -7.87 2.31 20.54
C HIS A 56 -6.43 1.99 20.13
N PHE A 57 -5.48 2.46 20.92
CA PHE A 57 -4.07 2.23 20.66
C PHE A 57 -3.46 1.14 21.53
N PHE A 58 -2.52 0.40 20.97
CA PHE A 58 -1.86 -0.70 21.67
C PHE A 58 -0.36 -0.71 21.41
N ASN A 59 0.42 -1.01 22.45
CA ASN A 59 1.86 -1.12 22.29
C ASN A 59 2.11 -2.51 21.74
N ALA A 60 3.14 -2.64 20.90
CA ALA A 60 3.49 -3.93 20.33
C ALA A 60 4.82 -3.83 19.61
N ASP A 61 5.44 -4.98 19.37
CA ASP A 61 6.69 -5.03 18.64
C ASP A 61 6.44 -6.04 17.53
N LEU A 62 6.69 -5.61 16.30
CA LEU A 62 6.45 -6.46 15.13
C LEU A 62 6.95 -7.90 15.22
N SER A 63 8.06 -8.12 15.91
CA SER A 63 8.62 -9.46 16.02
C SER A 63 8.06 -10.34 17.14
N ASN A 64 7.42 -9.74 18.14
CA ASN A 64 6.86 -10.52 19.25
C ASN A 64 5.36 -10.77 19.10
N PRO A 65 4.98 -11.98 18.68
CA PRO A 65 3.57 -12.33 18.50
C PRO A 65 2.70 -12.01 19.73
N ASP A 66 3.20 -12.36 20.91
CA ASP A 66 2.43 -12.12 22.12
C ASP A 66 2.11 -10.64 22.37
N SER A 67 2.97 -9.75 21.90
CA SER A 67 2.74 -8.32 22.10
C SER A 67 1.52 -7.82 21.33
N PHE A 68 0.98 -8.67 20.44
CA PHE A 68 -0.19 -8.31 19.65
C PHE A 68 -1.48 -8.95 20.19
N ALA A 69 -1.36 -9.82 21.18
CA ALA A 69 -2.52 -10.51 21.74
C ALA A 69 -3.68 -9.60 22.09
N ALA A 70 -3.42 -8.54 22.86
CA ALA A 70 -4.48 -7.63 23.25
C ALA A 70 -5.04 -6.84 22.08
N ALA A 71 -4.16 -6.42 21.17
CA ALA A 71 -4.58 -5.64 20.01
C ALA A 71 -5.50 -6.37 19.03
N ILE A 72 -5.39 -7.70 18.95
CA ILE A 72 -6.23 -8.46 18.03
C ILE A 72 -7.40 -9.17 18.71
N GLU A 73 -7.46 -9.08 20.03
CA GLU A 73 -8.53 -9.72 20.77
C GLU A 73 -9.90 -9.21 20.32
N GLY A 74 -10.78 -10.14 19.98
CA GLY A 74 -12.12 -9.79 19.56
C GLY A 74 -12.27 -9.16 18.18
N CYS A 75 -11.18 -9.08 17.43
CA CYS A 75 -11.22 -8.48 16.10
C CYS A 75 -11.73 -9.41 15.01
N VAL A 76 -12.46 -8.85 14.05
CA VAL A 76 -12.99 -9.63 12.94
C VAL A 76 -12.01 -9.61 11.77
N GLY A 77 -11.08 -8.65 11.81
CA GLY A 77 -10.10 -8.56 10.75
C GLY A 77 -8.80 -7.92 11.22
N ILE A 78 -7.73 -8.23 10.50
CA ILE A 78 -6.40 -7.68 10.79
C ILE A 78 -5.85 -7.19 9.46
N PHE A 79 -5.51 -5.90 9.42
CA PHE A 79 -4.92 -5.30 8.23
C PHE A 79 -3.48 -4.97 8.60
N HIS A 80 -2.55 -5.79 8.13
CA HIS A 80 -1.14 -5.61 8.44
C HIS A 80 -0.47 -4.76 7.36
N THR A 81 -0.34 -3.46 7.64
CA THR A 81 0.26 -2.52 6.69
C THR A 81 1.67 -2.08 7.08
N ALA A 82 2.12 -2.47 8.27
CA ALA A 82 3.43 -2.08 8.77
C ALA A 82 4.57 -3.05 8.44
N SER A 83 5.78 -2.50 8.40
CA SER A 83 7.00 -3.25 8.13
C SER A 83 8.09 -2.74 9.06
N PRO A 84 9.09 -3.57 9.37
CA PRO A 84 10.20 -3.18 10.25
C PRO A 84 10.99 -1.98 9.75
N ILE A 85 11.30 -1.96 8.47
CA ILE A 85 12.06 -0.87 7.87
C ILE A 85 11.61 -0.57 6.44
N GLU A 94 21.53 -12.71 6.79
CA GLU A 94 20.71 -13.58 7.61
C GLU A 94 19.94 -12.78 8.66
N ILE A 95 20.57 -11.73 9.17
CA ILE A 95 19.95 -10.88 10.19
C ILE A 95 18.81 -10.06 9.59
N VAL A 96 19.06 -9.45 8.44
CA VAL A 96 18.05 -8.65 7.77
C VAL A 96 16.86 -9.52 7.39
N THR A 97 17.15 -10.70 6.85
CA THR A 97 16.09 -11.62 6.46
C THR A 97 15.24 -11.99 7.67
N LYS A 98 15.87 -12.18 8.81
CA LYS A 98 15.16 -12.52 10.03
C LYS A 98 14.21 -11.39 10.46
N ARG A 99 14.70 -10.15 10.44
CA ARG A 99 13.88 -9.02 10.82
C ARG A 99 12.71 -8.85 9.86
N THR A 100 12.96 -9.10 8.58
CA THR A 100 11.93 -8.99 7.56
C THR A 100 10.82 -10.02 7.76
N VAL A 101 11.20 -11.29 7.83
CA VAL A 101 10.24 -12.36 8.02
C VAL A 101 9.52 -12.24 9.35
N ASP A 102 10.26 -11.94 10.41
CA ASP A 102 9.68 -11.80 11.73
C ASP A 102 8.65 -10.67 11.81
N GLY A 103 8.96 -9.55 11.14
CA GLY A 103 8.06 -8.41 11.16
C GLY A 103 6.78 -8.66 10.37
N ALA A 104 6.91 -9.44 9.30
CA ALA A 104 5.75 -9.76 8.47
C ALA A 104 4.87 -10.79 9.19
N LEU A 105 5.51 -11.73 9.89
CA LEU A 105 4.79 -12.80 10.57
C LEU A 105 4.36 -12.59 12.01
N GLY A 106 4.95 -11.62 12.70
CA GLY A 106 4.60 -11.39 14.10
C GLY A 106 3.12 -11.41 14.44
N ILE A 107 2.38 -10.47 13.87
CA ILE A 107 0.96 -10.39 14.15
C ILE A 107 0.18 -11.55 13.52
N LEU A 108 0.72 -12.13 12.45
CA LEU A 108 0.04 -13.27 11.81
C LEU A 108 0.14 -14.48 12.75
N LYS A 109 1.28 -14.66 13.40
CA LYS A 109 1.45 -15.77 14.34
C LYS A 109 0.48 -15.59 15.50
N ALA A 110 0.28 -14.35 15.92
CA ALA A 110 -0.63 -14.06 17.02
C ALA A 110 -2.06 -14.44 16.65
N CYS A 111 -2.36 -14.39 15.36
CA CYS A 111 -3.69 -14.68 14.83
C CYS A 111 -4.04 -16.17 14.82
N VAL A 112 -3.04 -17.03 14.97
CA VAL A 112 -3.29 -18.47 14.96
C VAL A 112 -4.32 -18.84 16.02
N ASN A 113 -5.36 -19.57 15.60
CA ASN A 113 -6.42 -19.99 16.50
C ASN A 113 -7.32 -18.87 17.02
N SER A 114 -7.30 -17.73 16.36
CA SER A 114 -8.17 -16.62 16.77
C SER A 114 -9.60 -17.10 16.65
N LYS A 115 -10.43 -16.74 17.63
CA LYS A 115 -11.82 -17.15 17.62
C LYS A 115 -12.70 -16.18 16.83
N THR A 116 -12.14 -15.07 16.38
CA THR A 116 -12.94 -14.07 15.67
C THR A 116 -12.43 -13.52 14.34
N VAL A 117 -11.14 -13.55 14.09
CA VAL A 117 -10.60 -13.01 12.85
C VAL A 117 -11.04 -13.83 11.63
N LYS A 118 -11.73 -13.20 10.69
CA LYS A 118 -12.19 -13.88 9.49
C LYS A 118 -11.29 -13.65 8.29
N ARG A 119 -10.49 -12.58 8.33
CA ARG A 119 -9.55 -12.31 7.25
C ARG A 119 -8.35 -11.51 7.73
N PHE A 120 -7.17 -11.92 7.26
CA PHE A 120 -5.91 -11.26 7.56
C PHE A 120 -5.45 -10.71 6.22
N ILE A 121 -5.34 -9.39 6.12
CA ILE A 121 -4.94 -8.77 4.87
C ILE A 121 -3.57 -8.12 5.01
N TYR A 122 -2.64 -8.60 4.19
CA TYR A 122 -1.27 -8.12 4.20
C TYR A 122 -0.99 -7.20 3.03
N THR A 123 -0.40 -6.05 3.34
CA THR A 123 -0.06 -5.06 2.32
C THR A 123 1.26 -5.42 1.64
N SER A 124 1.22 -5.74 0.35
CA SER A 124 2.45 -6.03 -0.37
C SER A 124 2.76 -4.88 -1.32
N SER A 125 3.66 -5.11 -2.27
CA SER A 125 4.12 -4.05 -3.16
C SER A 125 4.46 -4.51 -4.56
N GLY A 126 4.43 -3.59 -5.52
CA GLY A 126 4.78 -3.92 -6.88
C GLY A 126 6.23 -4.36 -6.96
N SER A 127 7.02 -3.98 -5.96
CA SER A 127 8.43 -4.37 -5.94
C SER A 127 8.57 -5.88 -5.72
N ALA A 128 7.51 -6.51 -5.23
CA ALA A 128 7.53 -7.95 -5.00
C ALA A 128 7.26 -8.76 -6.27
N VAL A 129 6.93 -8.06 -7.36
CA VAL A 129 6.66 -8.74 -8.63
C VAL A 129 7.41 -8.17 -9.83
N SER A 130 7.80 -6.91 -9.75
CA SER A 130 8.45 -6.21 -10.87
C SER A 130 9.91 -6.52 -11.22
N PHE A 131 10.64 -7.16 -10.32
CA PHE A 131 12.03 -7.49 -10.59
C PHE A 131 12.20 -8.98 -10.86
N ASN A 132 11.48 -9.48 -11.86
CA ASN A 132 11.52 -10.89 -12.21
C ASN A 132 12.58 -11.26 -13.25
N GLY A 133 13.35 -10.29 -13.69
CA GLY A 133 14.40 -10.55 -14.67
C GLY A 133 13.91 -10.66 -16.10
N LYS A 134 12.60 -10.74 -16.28
CA LYS A 134 12.02 -10.84 -17.62
C LYS A 134 11.49 -9.48 -18.05
N ASP A 135 11.39 -9.26 -19.35
CA ASP A 135 10.91 -7.98 -19.87
C ASP A 135 9.43 -8.01 -20.23
N LYS A 136 8.59 -8.37 -19.25
CA LYS A 136 7.15 -8.43 -19.48
C LYS A 136 6.50 -7.12 -19.04
N ASP A 137 5.71 -6.52 -19.93
CA ASP A 137 5.05 -5.26 -19.62
C ASP A 137 3.74 -5.43 -18.86
N VAL A 138 3.25 -6.65 -18.74
CA VAL A 138 2.02 -6.92 -18.01
C VAL A 138 2.26 -8.12 -17.09
N LEU A 139 2.00 -7.94 -15.81
CA LEU A 139 2.20 -9.00 -14.83
C LEU A 139 0.91 -9.34 -14.11
N ASP A 140 0.84 -10.56 -13.56
CA ASP A 140 -0.33 -10.96 -12.78
C ASP A 140 0.12 -11.60 -11.48
N GLU A 141 -0.81 -12.18 -10.75
CA GLU A 141 -0.51 -12.77 -9.45
C GLU A 141 0.42 -13.99 -9.45
N SER A 142 0.79 -14.49 -10.63
CA SER A 142 1.69 -15.63 -10.71
C SER A 142 3.15 -15.16 -10.80
N ASP A 143 3.35 -13.87 -11.00
CA ASP A 143 4.69 -13.32 -11.14
C ASP A 143 5.31 -12.91 -9.81
N TRP A 144 6.62 -13.16 -9.69
CA TRP A 144 7.38 -12.83 -8.49
C TRP A 144 8.75 -12.28 -8.83
N SER A 145 9.24 -11.36 -8.01
CA SER A 145 10.57 -10.81 -8.21
C SER A 145 11.55 -11.92 -7.86
N ASP A 146 12.74 -11.86 -8.47
CA ASP A 146 13.80 -12.85 -8.26
C ASP A 146 14.77 -12.30 -7.21
N VAL A 147 14.71 -12.85 -6.00
CA VAL A 147 15.58 -12.39 -4.92
C VAL A 147 17.07 -12.59 -5.21
N ASP A 148 17.42 -13.71 -5.83
CA ASP A 148 18.83 -13.95 -6.14
C ASP A 148 19.34 -12.92 -7.14
N LEU A 149 18.51 -12.60 -8.12
CA LEU A 149 18.87 -11.61 -9.13
C LEU A 149 19.00 -10.23 -8.50
N LEU A 150 18.08 -9.92 -7.59
CA LEU A 150 18.11 -8.63 -6.92
C LEU A 150 19.40 -8.44 -6.11
N ARG A 151 19.80 -9.49 -5.40
CA ARG A 151 21.00 -9.44 -4.58
C ARG A 151 22.31 -9.38 -5.35
N SER A 152 22.33 -9.93 -6.56
CA SER A 152 23.53 -9.94 -7.38
C SER A 152 23.64 -8.72 -8.30
N VAL A 153 22.56 -8.43 -9.01
CA VAL A 153 22.54 -7.29 -9.94
C VAL A 153 22.37 -5.95 -9.21
N LYS A 154 21.65 -5.97 -8.10
CA LYS A 154 21.43 -4.79 -7.28
C LYS A 154 20.89 -3.54 -7.96
N PRO A 155 19.73 -3.65 -8.62
CA PRO A 155 19.14 -2.50 -9.30
C PRO A 155 18.66 -1.51 -8.24
N PHE A 156 18.38 -0.28 -8.65
CA PHE A 156 17.92 0.72 -7.70
C PHE A 156 16.72 0.22 -6.90
N GLY A 157 16.82 0.31 -5.58
CA GLY A 157 15.75 -0.11 -4.70
C GLY A 157 15.70 -1.61 -4.43
N TRP A 158 16.77 -2.32 -4.73
CA TRP A 158 16.79 -3.77 -4.53
C TRP A 158 16.57 -4.23 -3.09
N ASN A 159 17.10 -3.48 -2.12
CA ASN A 159 16.93 -3.86 -0.71
C ASN A 159 15.45 -3.94 -0.35
N TYR A 160 14.71 -2.90 -0.69
CA TYR A 160 13.28 -2.84 -0.40
C TYR A 160 12.54 -3.96 -1.13
N ALA A 161 12.93 -4.20 -2.38
CA ALA A 161 12.29 -5.25 -3.18
C ALA A 161 12.51 -6.63 -2.55
N VAL A 162 13.72 -6.89 -2.08
CA VAL A 162 14.01 -8.18 -1.46
C VAL A 162 13.13 -8.34 -0.23
N SER A 163 13.07 -7.29 0.59
CA SER A 163 12.28 -7.30 1.81
C SER A 163 10.82 -7.63 1.52
N LYS A 164 10.22 -6.91 0.58
CA LYS A 164 8.82 -7.12 0.23
C LYS A 164 8.54 -8.51 -0.32
N THR A 165 9.44 -9.00 -1.18
CA THR A 165 9.28 -10.31 -1.78
C THR A 165 9.32 -11.42 -0.73
N LEU A 166 10.35 -11.39 0.11
CA LEU A 166 10.50 -12.41 1.16
C LEU A 166 9.35 -12.34 2.15
N ALA A 167 8.94 -11.13 2.52
CA ALA A 167 7.85 -10.97 3.47
C ALA A 167 6.53 -11.52 2.95
N GLU A 168 6.17 -11.18 1.73
CA GLU A 168 4.90 -11.67 1.19
C GLU A 168 4.90 -13.18 1.06
N LYS A 169 6.02 -13.75 0.61
CA LYS A 169 6.11 -15.20 0.47
C LYS A 169 5.93 -15.86 1.83
N ALA A 170 6.56 -15.29 2.86
CA ALA A 170 6.46 -15.86 4.20
C ALA A 170 5.02 -15.83 4.71
N VAL A 171 4.34 -14.71 4.47
CA VAL A 171 2.96 -14.56 4.90
C VAL A 171 2.05 -15.59 4.22
N LEU A 172 2.17 -15.74 2.91
CA LEU A 172 1.34 -16.70 2.19
C LEU A 172 1.58 -18.12 2.66
N GLU A 173 2.86 -18.48 2.82
CA GLU A 173 3.20 -19.82 3.27
C GLU A 173 2.71 -20.11 4.67
N PHE A 174 2.94 -19.20 5.61
CA PHE A 174 2.51 -19.39 6.98
C PHE A 174 0.99 -19.50 7.04
N GLY A 175 0.30 -18.62 6.33
CA GLY A 175 -1.15 -18.66 6.32
C GLY A 175 -1.67 -20.00 5.86
N GLU A 176 -1.07 -20.54 4.81
CA GLU A 176 -1.48 -21.84 4.26
C GLU A 176 -1.22 -22.98 5.23
N GLN A 177 -0.06 -22.95 5.89
CA GLN A 177 0.30 -24.01 6.84
C GLN A 177 -0.46 -23.95 8.16
N ASN A 178 -1.03 -22.80 8.48
CA ASN A 178 -1.74 -22.64 9.74
C ASN A 178 -3.23 -22.34 9.62
N GLY A 179 -3.79 -22.60 8.45
CA GLY A 179 -5.21 -22.37 8.22
C GLY A 179 -5.75 -20.97 8.48
N ILE A 180 -4.98 -19.95 8.13
CA ILE A 180 -5.44 -18.58 8.32
C ILE A 180 -5.87 -18.05 6.96
N ASP A 181 -7.04 -17.41 6.89
CA ASP A 181 -7.54 -16.88 5.63
C ASP A 181 -6.79 -15.59 5.30
N VAL A 182 -5.69 -15.74 4.56
CA VAL A 182 -4.83 -14.63 4.19
C VAL A 182 -5.03 -14.12 2.78
N VAL A 183 -5.06 -12.80 2.66
CA VAL A 183 -5.14 -12.14 1.37
C VAL A 183 -3.98 -11.16 1.36
N THR A 184 -3.29 -11.07 0.23
CA THR A 184 -2.20 -10.10 0.11
C THR A 184 -2.59 -9.19 -1.03
N LEU A 185 -2.33 -7.89 -0.86
CA LEU A 185 -2.65 -6.92 -1.89
C LEU A 185 -1.35 -6.37 -2.46
N ILE A 186 -1.15 -6.59 -3.75
CA ILE A 186 0.06 -6.11 -4.42
C ILE A 186 -0.25 -4.68 -4.85
N LEU A 187 0.34 -3.72 -4.14
CA LEU A 187 0.08 -2.31 -4.37
C LEU A 187 1.15 -1.56 -5.13
N PRO A 188 0.74 -0.76 -6.12
CA PRO A 188 1.63 0.06 -6.95
C PRO A 188 1.83 1.41 -6.24
N PHE A 189 2.02 2.48 -6.99
CA PHE A 189 2.15 3.79 -6.37
C PHE A 189 0.77 4.16 -5.82
N ILE A 190 0.67 4.34 -4.51
CA ILE A 190 -0.59 4.70 -3.86
C ILE A 190 -0.67 6.23 -3.78
N VAL A 191 -1.73 6.79 -4.35
CA VAL A 191 -1.87 8.24 -4.42
C VAL A 191 -3.28 8.74 -4.10
N GLY A 192 -3.36 9.91 -3.47
CA GLY A 192 -4.64 10.51 -3.14
C GLY A 192 -4.47 11.52 -2.02
N ARG A 193 -5.53 11.78 -1.27
CA ARG A 193 -5.41 12.70 -0.15
C ARG A 193 -4.73 11.90 0.95
N PHE A 194 -4.26 12.59 1.99
CA PHE A 194 -3.59 11.93 3.11
C PHE A 194 -3.79 12.74 4.38
N VAL A 195 -3.74 12.06 5.52
CA VAL A 195 -3.89 12.74 6.80
C VAL A 195 -2.62 12.66 7.65
N CYS A 196 -1.64 11.90 7.20
CA CYS A 196 -0.38 11.77 7.93
C CYS A 196 0.41 13.08 7.91
N PRO A 197 1.28 13.29 8.91
CA PRO A 197 2.11 14.49 9.05
C PRO A 197 3.18 14.82 8.01
N LYS A 198 3.57 13.83 7.19
CA LYS A 198 4.58 14.08 6.17
C LYS A 198 4.08 13.72 4.79
N LEU A 199 4.65 14.35 3.76
CA LEU A 199 4.27 14.06 2.38
C LEU A 199 4.68 12.64 2.03
N PRO A 200 3.72 11.76 1.67
CA PRO A 200 4.09 10.39 1.33
C PRO A 200 5.02 10.34 0.13
N ASP A 201 6.03 9.48 0.21
CA ASP A 201 7.00 9.32 -0.86
C ASP A 201 6.34 8.99 -2.20
N SER A 202 5.34 8.10 -2.17
CA SER A 202 4.66 7.72 -3.39
C SER A 202 3.98 8.90 -4.07
N ILE A 203 3.44 9.82 -3.28
CA ILE A 203 2.79 10.99 -3.82
C ILE A 203 3.83 11.97 -4.35
N GLU A 204 4.93 12.14 -3.63
CA GLU A 204 5.97 13.04 -4.10
C GLU A 204 6.48 12.57 -5.46
N LYS A 205 6.66 11.26 -5.60
CA LYS A 205 7.14 10.71 -6.87
C LYS A 205 6.09 10.82 -7.97
N ALA A 206 4.83 10.55 -7.64
CA ALA A 206 3.75 10.63 -8.61
C ALA A 206 3.53 12.04 -9.12
N LEU A 207 3.87 13.03 -8.29
CA LEU A 207 3.68 14.44 -8.66
C LEU A 207 4.96 15.11 -9.14
N VAL A 208 5.92 14.31 -9.61
CA VAL A 208 7.18 14.84 -10.09
C VAL A 208 7.04 15.96 -11.12
N LEU A 209 6.02 15.88 -11.98
CA LEU A 209 5.85 16.91 -13.00
C LEU A 209 5.38 18.26 -12.46
N VAL A 210 4.76 18.27 -11.28
CA VAL A 210 4.29 19.53 -10.70
C VAL A 210 5.06 19.92 -9.44
N LEU A 211 5.73 18.97 -8.82
CA LEU A 211 6.49 19.21 -7.58
C LEU A 211 8.00 19.19 -7.79
N GLY A 212 8.45 18.40 -8.76
CA GLY A 212 9.88 18.31 -9.01
C GLY A 212 10.35 18.89 -10.32
N LYS A 213 11.62 18.64 -10.64
CA LYS A 213 12.21 19.12 -11.88
C LYS A 213 12.57 17.95 -12.76
N LYS A 214 12.95 18.24 -14.00
CA LYS A 214 13.32 17.21 -14.96
C LYS A 214 14.39 16.28 -14.41
N GLU A 215 15.30 16.81 -13.60
CA GLU A 215 16.38 16.02 -13.02
C GLU A 215 15.90 14.96 -12.03
N GLN A 216 14.69 15.13 -11.52
CA GLN A 216 14.14 14.18 -10.55
C GLN A 216 13.32 13.07 -11.20
N ILE A 217 13.30 13.03 -12.52
CA ILE A 217 12.55 11.99 -13.22
C ILE A 217 13.31 10.67 -13.27
N GLY A 218 12.66 9.62 -12.75
CA GLY A 218 13.25 8.30 -12.74
C GLY A 218 12.28 7.37 -13.45
N VAL A 219 11.13 7.15 -12.82
CA VAL A 219 10.09 6.31 -13.40
C VAL A 219 9.39 7.07 -14.53
N THR A 220 9.21 6.42 -15.67
CA THR A 220 8.55 7.05 -16.81
C THR A 220 7.22 6.41 -17.20
N ARG A 221 6.85 5.36 -16.49
CA ARG A 221 5.54 4.72 -16.67
C ARG A 221 5.22 4.18 -15.29
N PHE A 222 4.15 4.72 -14.71
CA PHE A 222 3.73 4.41 -13.35
C PHE A 222 2.53 3.49 -13.19
N HIS A 223 2.65 2.43 -12.40
CA HIS A 223 1.46 1.64 -12.08
C HIS A 223 0.95 2.40 -10.85
N MET A 224 -0.36 2.67 -10.81
CA MET A 224 -0.93 3.48 -9.74
C MET A 224 -2.32 3.04 -9.25
N VAL A 225 -2.71 3.54 -8.09
CA VAL A 225 -4.02 3.26 -7.50
C VAL A 225 -4.38 4.41 -6.55
N HIS A 226 -5.68 4.68 -6.42
CA HIS A 226 -6.15 5.72 -5.52
C HIS A 226 -6.16 5.12 -4.11
N VAL A 227 -5.59 5.85 -3.15
CA VAL A 227 -5.53 5.35 -1.78
C VAL A 227 -6.89 4.94 -1.21
N ASP A 228 -7.95 5.66 -1.54
CA ASP A 228 -9.25 5.27 -0.99
C ASP A 228 -9.77 3.99 -1.63
N ASP A 229 -9.36 3.69 -2.86
CA ASP A 229 -9.78 2.43 -3.46
C ASP A 229 -9.04 1.30 -2.74
N VAL A 230 -7.83 1.58 -2.25
CA VAL A 230 -7.09 0.55 -1.52
C VAL A 230 -7.84 0.27 -0.21
N ALA A 231 -8.31 1.32 0.45
CA ALA A 231 -9.06 1.14 1.70
C ALA A 231 -10.35 0.37 1.39
N ARG A 232 -11.02 0.75 0.30
CA ARG A 232 -12.25 0.08 -0.10
C ARG A 232 -12.00 -1.40 -0.39
N ALA A 233 -10.85 -1.71 -1.02
CA ALA A 233 -10.52 -3.09 -1.35
C ALA A 233 -10.32 -3.91 -0.08
N HIS A 234 -9.72 -3.31 0.95
CA HIS A 234 -9.51 -4.00 2.22
C HIS A 234 -10.86 -4.38 2.83
N ILE A 235 -11.78 -3.43 2.87
CA ILE A 235 -13.10 -3.68 3.44
C ILE A 235 -13.85 -4.72 2.60
N TYR A 236 -13.75 -4.62 1.28
CA TYR A 236 -14.43 -5.57 0.40
C TYR A 236 -13.96 -7.00 0.65
N LEU A 237 -12.64 -7.20 0.70
CA LEU A 237 -12.10 -8.52 0.90
C LEU A 237 -12.36 -9.06 2.31
N LEU A 238 -12.59 -8.16 3.26
CA LEU A 238 -12.89 -8.58 4.62
C LEU A 238 -14.36 -9.04 4.69
N GLU A 239 -15.23 -8.33 3.99
CA GLU A 239 -16.67 -8.63 4.00
C GLU A 239 -17.16 -9.67 3.01
N ASN A 240 -16.38 -9.92 1.96
CA ASN A 240 -16.77 -10.89 0.94
C ASN A 240 -15.81 -12.08 0.93
N SER A 241 -16.37 -13.26 1.15
CA SER A 241 -15.61 -14.50 1.23
C SER A 241 -15.04 -15.05 -0.07
N VAL A 242 -14.45 -14.18 -0.88
CA VAL A 242 -13.84 -14.63 -2.13
C VAL A 242 -12.54 -15.36 -1.74
N PRO A 243 -11.95 -16.12 -2.67
CA PRO A 243 -10.73 -16.86 -2.36
C PRO A 243 -9.58 -16.05 -1.76
N GLY A 244 -8.88 -16.65 -0.82
CA GLY A 244 -7.73 -15.98 -0.22
C GLY A 244 -6.61 -16.09 -1.25
N GLY A 245 -5.50 -15.42 -0.99
CA GLY A 245 -4.38 -15.44 -1.91
C GLY A 245 -3.94 -14.05 -2.31
N ARG A 246 -3.20 -13.95 -3.41
CA ARG A 246 -2.69 -12.67 -3.89
C ARG A 246 -3.65 -11.94 -4.82
N TYR A 247 -3.71 -10.62 -4.69
CA TYR A 247 -4.54 -9.80 -5.56
C TYR A 247 -3.84 -8.50 -5.91
N ASN A 248 -3.62 -8.28 -7.21
CA ASN A 248 -3.03 -7.03 -7.67
C ASN A 248 -4.15 -6.00 -7.41
N CYS A 249 -3.76 -4.79 -7.00
CA CYS A 249 -4.74 -3.72 -6.78
C CYS A 249 -4.09 -2.51 -7.44
N SER A 250 -4.08 -2.54 -8.76
CA SER A 250 -3.39 -1.55 -9.58
C SER A 250 -4.18 -1.29 -10.86
N PRO A 251 -5.27 -0.51 -10.75
CA PRO A 251 -6.12 -0.19 -11.90
C PRO A 251 -5.57 0.72 -12.98
N PHE A 252 -4.49 1.44 -12.66
CA PHE A 252 -3.93 2.38 -13.63
C PHE A 252 -2.49 2.09 -14.04
N ILE A 253 -2.20 2.36 -15.31
CA ILE A 253 -0.85 2.25 -15.84
C ILE A 253 -0.73 3.55 -16.61
N VAL A 254 0.17 4.41 -16.15
CA VAL A 254 0.31 5.75 -16.68
C VAL A 254 1.66 6.22 -17.20
N PRO A 255 1.80 6.31 -18.53
CA PRO A 255 3.07 6.77 -19.11
C PRO A 255 3.24 8.23 -18.69
N ILE A 256 4.48 8.66 -18.48
CA ILE A 256 4.71 10.04 -18.07
C ILE A 256 4.21 11.04 -19.13
N GLU A 257 4.18 10.61 -20.38
CA GLU A 257 3.71 11.48 -21.46
C GLU A 257 2.20 11.73 -21.32
N GLU A 258 1.46 10.70 -20.95
CA GLU A 258 0.02 10.84 -20.76
C GLU A 258 -0.23 11.65 -19.49
N MET A 259 0.66 11.47 -18.52
CA MET A 259 0.59 12.20 -17.26
C MET A 259 0.72 13.70 -17.59
N SER A 260 1.68 14.04 -18.45
CA SER A 260 1.89 15.42 -18.85
C SER A 260 0.65 16.01 -19.53
N GLN A 261 0.03 15.26 -20.43
CA GLN A 261 -1.14 15.77 -21.11
C GLN A 261 -2.30 16.02 -20.14
N LEU A 262 -2.52 15.09 -19.22
CA LEU A 262 -3.59 15.23 -18.25
C LEU A 262 -3.36 16.44 -17.35
N LEU A 263 -2.19 16.49 -16.72
CA LEU A 263 -1.89 17.58 -15.80
C LEU A 263 -1.79 18.96 -16.47
N SER A 264 -1.28 19.01 -17.69
CA SER A 264 -1.16 20.28 -18.39
C SER A 264 -2.52 20.89 -18.67
N ALA A 265 -3.48 20.05 -19.02
CA ALA A 265 -4.83 20.51 -19.33
C ALA A 265 -5.62 20.89 -18.08
N LYS A 266 -5.49 20.10 -17.02
CA LYS A 266 -6.25 20.37 -15.80
C LYS A 266 -5.64 21.39 -14.84
N TYR A 267 -4.31 21.55 -14.89
CA TYR A 267 -3.63 22.49 -14.00
C TYR A 267 -2.69 23.42 -14.77
N PRO A 268 -3.26 24.31 -15.60
CA PRO A 268 -2.46 25.25 -16.39
C PRO A 268 -1.61 26.20 -15.54
N GLU A 269 -1.93 26.28 -14.24
CA GLU A 269 -1.20 27.16 -13.34
C GLU A 269 0.22 26.69 -13.04
N TYR A 270 0.51 25.43 -13.36
CA TYR A 270 1.85 24.89 -13.12
C TYR A 270 2.68 24.76 -14.40
N GLN A 271 3.99 24.94 -14.26
CA GLN A 271 4.89 24.81 -15.37
C GLN A 271 5.16 23.31 -15.46
N ILE A 272 4.58 22.68 -16.47
CA ILE A 272 4.71 21.23 -16.65
C ILE A 272 5.41 20.87 -17.95
N LEU A 273 6.37 19.96 -17.88
CA LEU A 273 7.09 19.52 -19.06
C LEU A 273 6.08 18.97 -20.05
N THR A 274 6.20 19.40 -21.31
CA THR A 274 5.28 18.95 -22.35
C THR A 274 5.71 17.61 -22.94
N VAL A 275 4.81 17.01 -23.70
CA VAL A 275 5.12 15.76 -24.35
C VAL A 275 6.37 15.95 -25.21
N ASP A 276 6.47 17.09 -25.92
CA ASP A 276 7.64 17.33 -26.75
C ASP A 276 8.92 17.41 -25.92
N GLU A 277 8.84 18.07 -24.76
CA GLU A 277 10.01 18.21 -23.91
C GLU A 277 10.40 16.86 -23.28
N LEU A 278 9.44 15.94 -23.23
CA LEU A 278 9.68 14.61 -22.67
C LEU A 278 10.13 13.59 -23.71
N LYS A 279 10.25 14.03 -24.96
CA LYS A 279 10.67 13.12 -26.04
C LYS A 279 12.00 12.44 -25.73
N GLU A 280 12.04 11.13 -25.97
CA GLU A 280 13.25 10.34 -25.72
C GLU A 280 13.66 10.36 -24.26
N ILE A 281 12.73 10.71 -23.37
CA ILE A 281 13.02 10.76 -21.95
C ILE A 281 13.44 9.36 -21.49
N LYS A 282 14.54 9.29 -20.74
CA LYS A 282 15.03 8.01 -20.25
C LYS A 282 14.50 7.74 -18.86
N GLY A 283 14.15 6.48 -18.60
CA GLY A 283 13.64 6.12 -17.30
C GLY A 283 13.11 4.71 -17.22
N ALA A 284 12.55 4.36 -16.07
CA ALA A 284 12.01 3.04 -15.84
C ALA A 284 10.53 2.97 -16.20
N ARG A 285 10.21 2.11 -17.16
CA ARG A 285 8.83 1.93 -17.61
C ARG A 285 8.31 0.72 -16.83
N LEU A 286 7.60 0.98 -15.73
CA LEU A 286 7.08 -0.09 -14.89
C LEU A 286 5.98 -0.89 -15.55
N PRO A 287 5.85 -2.18 -15.15
CA PRO A 287 4.83 -3.05 -15.73
C PRO A 287 3.42 -2.76 -15.21
N ASP A 288 2.44 -3.11 -16.05
CA ASP A 288 1.05 -2.95 -15.69
C ASP A 288 0.74 -4.18 -14.82
N LEU A 289 0.26 -3.96 -13.60
CA LEU A 289 -0.07 -5.06 -12.70
C LEU A 289 -1.55 -5.34 -12.92
N ASN A 290 -1.82 -6.28 -13.85
CA ASN A 290 -3.17 -6.68 -14.24
C ASN A 290 -4.05 -6.92 -13.02
N THR A 291 -5.12 -6.15 -12.91
CA THR A 291 -6.02 -6.23 -11.77
C THR A 291 -7.34 -6.94 -12.09
N LYS A 292 -7.32 -7.74 -13.16
CA LYS A 292 -8.48 -8.50 -13.58
C LYS A 292 -8.96 -9.48 -12.50
N LYS A 293 -8.04 -10.11 -11.77
CA LYS A 293 -8.45 -11.06 -10.73
C LYS A 293 -9.34 -10.41 -9.68
N LEU A 294 -8.94 -9.23 -9.20
CA LEU A 294 -9.73 -8.55 -8.19
C LEU A 294 -11.09 -8.10 -8.73
N VAL A 295 -11.11 -7.63 -9.98
CA VAL A 295 -12.37 -7.20 -10.57
C VAL A 295 -13.28 -8.41 -10.81
N ASP A 296 -12.69 -9.53 -11.22
CA ASP A 296 -13.45 -10.77 -11.45
C ASP A 296 -14.08 -11.22 -10.13
N ALA A 297 -13.45 -10.85 -9.01
CA ALA A 297 -13.93 -11.24 -7.70
C ALA A 297 -15.09 -10.37 -7.24
N GLY A 298 -15.43 -9.36 -8.03
CA GLY A 298 -16.57 -8.52 -7.68
C GLY A 298 -16.27 -7.13 -7.17
N PHE A 299 -15.01 -6.82 -6.90
CA PHE A 299 -14.65 -5.49 -6.42
C PHE A 299 -14.76 -4.47 -7.55
N ASP A 300 -15.25 -3.27 -7.22
CA ASP A 300 -15.38 -2.21 -8.22
C ASP A 300 -14.61 -0.99 -7.77
N PHE A 301 -13.73 -0.49 -8.63
CA PHE A 301 -12.97 0.70 -8.31
C PHE A 301 -13.88 1.92 -8.42
N LYS A 302 -13.74 2.83 -7.47
CA LYS A 302 -14.57 4.03 -7.40
C LYS A 302 -13.95 5.28 -8.04
N TYR A 303 -12.62 5.36 -8.03
CA TYR A 303 -11.95 6.55 -8.53
C TYR A 303 -11.24 6.44 -9.89
N THR A 304 -11.17 7.58 -10.57
CA THR A 304 -10.52 7.66 -11.86
C THR A 304 -9.11 8.21 -11.66
N ILE A 305 -8.30 8.16 -12.72
CA ILE A 305 -6.95 8.69 -12.67
C ILE A 305 -7.03 10.18 -12.35
N GLU A 306 -8.00 10.88 -12.92
CA GLU A 306 -8.15 12.31 -12.66
C GLU A 306 -8.46 12.56 -11.18
N ASP A 307 -9.31 11.73 -10.59
CA ASP A 307 -9.67 11.87 -9.17
C ASP A 307 -8.42 11.71 -8.31
N MET A 308 -7.63 10.69 -8.65
CA MET A 308 -6.41 10.40 -7.90
C MET A 308 -5.44 11.57 -7.88
N PHE A 309 -5.15 12.12 -9.05
CA PHE A 309 -4.23 13.26 -9.13
C PHE A 309 -4.83 14.50 -8.46
N ASP A 310 -6.13 14.75 -8.65
CA ASP A 310 -6.72 15.93 -8.05
C ASP A 310 -6.72 15.87 -6.53
N ASP A 311 -7.08 14.71 -5.97
CA ASP A 311 -7.10 14.57 -4.52
C ASP A 311 -5.72 14.81 -3.93
N ALA A 312 -4.70 14.26 -4.59
CA ALA A 312 -3.33 14.43 -4.11
C ALA A 312 -2.90 15.90 -4.23
N ILE A 313 -3.18 16.51 -5.37
CA ILE A 313 -2.80 17.91 -5.58
C ILE A 313 -3.51 18.87 -4.63
N GLN A 314 -4.82 18.73 -4.45
CA GLN A 314 -5.53 19.61 -3.53
C GLN A 314 -5.03 19.44 -2.10
N CYS A 315 -4.74 18.19 -1.72
CA CYS A 315 -4.26 17.94 -0.36
C CYS A 315 -2.89 18.58 -0.18
N CYS A 316 -2.03 18.44 -1.17
CA CYS A 316 -0.71 19.04 -1.11
C CYS A 316 -0.78 20.56 -1.00
N LYS A 317 -1.71 21.16 -1.75
CA LYS A 317 -1.88 22.61 -1.70
C LYS A 317 -2.32 23.06 -0.31
N GLU A 318 -3.27 22.35 0.26
CA GLU A 318 -3.79 22.66 1.58
C GLU A 318 -2.72 22.58 2.66
N LYS A 319 -1.84 21.59 2.53
CA LYS A 319 -0.79 21.37 3.52
C LYS A 319 0.54 22.06 3.27
N GLY A 320 0.63 22.81 2.18
CA GLY A 320 1.85 23.56 1.88
C GLY A 320 2.96 22.86 1.13
N TYR A 321 2.66 21.71 0.52
CA TYR A 321 3.67 20.99 -0.24
C TYR A 321 3.63 21.45 -1.70
N LEU A 322 2.57 22.16 -2.04
CA LEU A 322 2.36 22.70 -3.38
C LEU A 322 1.82 24.12 -3.27
#